data_7WT9
#
_entry.id   7WT9
#
_cell.length_a   1.00
_cell.length_b   1.00
_cell.length_c   1.00
_cell.angle_alpha   90.00
_cell.angle_beta   90.00
_cell.angle_gamma   90.00
#
_symmetry.space_group_name_H-M   'P 1'
#
loop_
_entity.id
_entity.type
_entity.pdbx_description
1 polymer 'Heavy chain of Fab 9A8'
2 polymer 'Spike glycoprotein'
3 polymer 'Light chain of Fab 9A8'
#
loop_
_entity_poly.entity_id
_entity_poly.type
_entity_poly.pdbx_seq_one_letter_code
_entity_poly.pdbx_strand_id
1 'polypeptide(L)'
;VQLVESGGGLVQPGGSLRLSCAASGIIVSSNYMSWVRQGPGKGLEWVSVIYSGGSTYYADSVKARFTISRDNSKNTLYLQ
MNSLRAEDTAVYYCAREVVGSNSNMDVWGQGTTVTVSSASTK
;
H
2 'polypeptide(L)'
;MFVFLVLLPLVSSQCVNLTTRTQLPPAYTNSFTRGVYYPDKVFRSSVLHSTQDLFLPFFSNVTWFHVISGTNGTKRFDNP
VLPFNDGVYFASIEKSNIIRGWIFGTTLDSKTQSLLIVNNATNVVIKVCEFQFCNDPFLDHKNNKSWMESEFRVYSSANN
CTFEYVSQPFLMDLEGKQGNFKNLREFVFKNIDGYFKIYSKHTPINIVREPEDLPQGFSALEPLVDLPIGINITRFQTLL
ALHRSYLTPGDSSSGWTAGAAAYYVGYLQPRTFLLKYNENGTITDAVDCALDPLSETKCTLKSFTVEKGIYQTSNFRVQP
TESIVRFPNITNLCPFDEVFNATRFASVYAWNRKRISNCVADYSVLYNLAPFFTFKCYGVSPTKLNDLCFTNVYADSFVI
RGDEVRQIAPGQTGNIADYNYKLPDDFTGCVIAWNSNKLDSKVSGNYNYLYRLFRKSNLKPFERDISTEIYQAGNKPCNG
VAGFNCYFPLRSYSFRPTYGVGHQPYRVVVLSFELLHAPATVCGPKKSTNLVKNKCVNFNFNGLKGTGVLTESNKKFLPF
QQFGRDIADTTDAVRDPQTLEILDITPCSFGGVSVITPGTNTSNQVAVLYQGVNCTEVPVAIHADQLTPTWRVYSTGSNV
FQTRAGCLIGAEYVNNSYECDIPIGAGICASYQTQTKSHRAAASVASQSIIAYTMSLGAENSVAYSNNSIAIPTNFTISV
TTEILPVSMTKTSVDCTMYICGDSTECSNLLLQYGSFCTQLKRALTGIAVEQDKNTQEVFAQVKQIYKTPPIKYFGGFNF
SQILPDPSKPSKRSPIEDLLFNKVTLADAGFIKQYGDCLGDIAARDLICAQKFKGLTVLPPLLTDEMIAQYTSALLAGTI
TSGWTFGAGPALQIPFPMQMAYRFNGIGVTQNVLYENQKLIANQFNSAIGKIQDSLSSTPSALGKLQDVVNHNAQALNTL
VKQLSSKFGAISSVLNDIFSRLDPPEAEVQIDRLITGRLQSLQTYVTQQLIRAAEIRASANLAATKMSECVLGQSKRVDF
CGKGYHLMSFPQSAPHGVVFLHVTYVPAQEKNFTTAPAICHDGKAHFPREGVFVSNGTHWFVTQRNFYEPQIITTDNTFV
SGNCDVVIGIVNNTVYDPLQPELDSFKEELDKYFKNHTSPDVDLGDISGINASVVNIQKEIDRLNEVAKNLNESLIDLQE
LGKYEQYIKWPWYIWLGFIAGLIAIVMVTIMLCCMTSCCSCLKGCCSCGSCCKFDEDDSEPVLKGVKLHYT
;
E
3 'polypeptide(L)'
;DIQMTQSPSSLSASVGDRVTITCQASQDINIYLNWYQQKPGKAPKLLIYDASNLETGVPSRFSGSGSGTDFTFTINSLQP
EDIATYYCQQYDNLPRTFGQGTKVEIK
;
A
#
# COMPACT_ATOMS: atom_id res chain seq x y z
N VAL A 1 -4.92 13.55 20.35
CA VAL A 1 -4.66 12.64 19.24
C VAL A 1 -4.23 11.28 19.77
N GLN A 2 -4.29 11.12 21.09
CA GLN A 2 -3.90 9.87 21.71
C GLN A 2 -4.98 8.80 21.53
N LEU A 3 -4.62 7.57 21.87
CA LEU A 3 -5.54 6.44 21.79
C LEU A 3 -5.81 5.86 23.16
N VAL A 4 -6.95 5.18 23.28
CA VAL A 4 -7.49 4.73 24.56
C VAL A 4 -7.56 3.21 24.56
N GLU A 5 -6.98 2.59 25.59
CA GLU A 5 -7.08 1.17 25.84
C GLU A 5 -8.49 0.84 26.30
N SER A 6 -9.11 -0.18 25.68
CA SER A 6 -10.44 -0.65 26.07
C SER A 6 -10.50 -2.16 25.90
N GLY A 7 -10.24 -2.89 26.98
CA GLY A 7 -10.35 -4.33 26.97
C GLY A 7 -9.69 -4.94 28.19
N GLY A 8 -9.95 -6.23 28.39
CA GLY A 8 -9.35 -6.95 29.50
C GLY A 8 -10.12 -8.23 29.76
N GLY A 9 -9.78 -8.86 30.89
CA GLY A 9 -10.48 -10.04 31.34
C GLY A 9 -9.91 -11.33 30.78
N LEU A 10 -10.41 -12.44 31.33
CA LEU A 10 -10.00 -13.78 30.93
C LEU A 10 -11.15 -14.44 30.18
N VAL A 11 -10.85 -15.00 29.01
CA VAL A 11 -11.86 -15.65 28.17
C VAL A 11 -11.41 -17.06 27.84
N GLN A 12 -12.38 -17.91 27.50
CA GLN A 12 -12.15 -19.31 27.18
C GLN A 12 -12.02 -19.49 25.67
N PRO A 13 -11.40 -20.58 25.22
CA PRO A 13 -11.49 -20.95 23.79
C PRO A 13 -12.92 -21.27 23.40
N GLY A 14 -13.28 -20.83 22.19
CA GLY A 14 -14.65 -20.90 21.72
C GLY A 14 -15.48 -19.68 22.02
N GLY A 15 -15.05 -18.86 22.99
CA GLY A 15 -15.72 -17.61 23.28
C GLY A 15 -14.87 -16.42 22.88
N SER A 16 -15.51 -15.33 22.45
CA SER A 16 -14.80 -14.15 21.99
C SER A 16 -15.51 -12.90 22.51
N LEU A 17 -14.74 -11.83 22.63
CA LEU A 17 -15.24 -10.54 23.06
C LEU A 17 -15.13 -9.55 21.89
N ARG A 18 -15.44 -8.29 22.17
CA ARG A 18 -15.36 -7.22 21.18
C ARG A 18 -14.23 -6.28 21.59
N LEU A 19 -13.10 -6.37 20.90
CA LEU A 19 -11.98 -5.47 21.14
C LEU A 19 -12.31 -4.06 20.66
N SER A 20 -11.85 -3.07 21.42
CA SER A 20 -12.13 -1.68 21.13
C SER A 20 -10.92 -0.82 21.43
N CYS A 21 -10.66 0.17 20.59
CA CYS A 21 -9.70 1.22 20.85
C CYS A 21 -10.27 2.55 20.38
N ALA A 22 -10.20 3.56 21.23
CA ALA A 22 -10.85 4.84 20.97
C ALA A 22 -9.82 5.89 20.57
N ALA A 23 -10.33 7.01 20.06
CA ALA A 23 -9.50 8.11 19.57
C ALA A 23 -9.80 9.38 20.35
N SER A 24 -8.87 10.33 20.26
CA SER A 24 -8.98 11.63 20.91
C SER A 24 -9.33 12.72 19.90
N GLY A 25 -10.18 12.41 18.93
CA GLY A 25 -10.56 13.35 17.89
C GLY A 25 -10.15 12.94 16.49
N ILE A 26 -9.30 11.92 16.36
CA ILE A 26 -8.90 11.45 15.04
C ILE A 26 -10.06 10.65 14.43
N ILE A 27 -10.34 10.93 13.16
CA ILE A 27 -11.38 10.20 12.41
C ILE A 27 -10.92 8.76 12.25
N VAL A 28 -11.84 7.82 12.48
CA VAL A 28 -11.48 6.40 12.43
C VAL A 28 -11.98 5.77 11.13
N SER A 29 -13.00 6.36 10.51
CA SER A 29 -13.55 5.77 9.29
C SER A 29 -12.84 6.32 8.06
N SER A 30 -12.60 7.63 8.04
CA SER A 30 -11.95 8.28 6.90
C SER A 30 -10.44 8.43 7.15
N ASN A 31 -9.82 7.32 7.52
CA ASN A 31 -8.38 7.27 7.81
C ASN A 31 -7.96 5.80 7.68
N TYR A 32 -6.74 5.49 8.13
CA TYR A 32 -6.10 4.21 7.84
C TYR A 32 -5.73 3.55 9.17
N MET A 33 -6.60 2.67 9.68
CA MET A 33 -6.39 2.09 11.00
C MET A 33 -5.69 0.74 10.86
N SER A 34 -4.99 0.30 11.91
CA SER A 34 -4.23 -0.94 11.84
C SER A 34 -3.99 -1.50 13.24
N TRP A 35 -4.18 -2.81 13.39
CA TRP A 35 -3.88 -3.48 14.64
C TRP A 35 -2.85 -4.57 14.42
N VAL A 36 -2.00 -4.77 15.43
CA VAL A 36 -1.00 -5.84 15.45
C VAL A 36 -1.09 -6.58 16.78
N ARG A 37 -0.40 -7.72 16.87
CA ARG A 37 -0.32 -8.49 18.10
C ARG A 37 1.13 -8.62 18.55
N GLN A 38 1.31 -8.93 19.84
CA GLN A 38 2.63 -9.10 20.45
C GLN A 38 2.53 -10.19 21.50
N GLY A 39 3.08 -11.37 21.20
CA GLY A 39 3.10 -12.46 22.14
C GLY A 39 4.20 -12.29 23.17
N PRO A 40 4.15 -13.06 24.26
CA PRO A 40 5.22 -12.99 25.27
C PRO A 40 6.47 -13.68 24.77
N GLY A 41 7.58 -12.91 24.74
CA GLY A 41 8.87 -13.44 24.35
C GLY A 41 9.14 -13.47 22.86
N LYS A 42 8.14 -13.22 22.02
CA LYS A 42 8.30 -13.29 20.58
C LYS A 42 8.08 -11.91 19.95
N GLY A 43 8.25 -11.85 18.64
CA GLY A 43 8.12 -10.61 17.91
C GLY A 43 6.68 -10.25 17.57
N LEU A 44 6.52 -9.07 16.97
CA LEU A 44 5.22 -8.62 16.50
C LEU A 44 4.75 -9.46 15.32
N GLU A 45 3.43 -9.59 15.22
CA GLU A 45 2.81 -10.19 14.05
C GLU A 45 1.65 -9.29 13.65
N TRP A 46 1.54 -9.04 12.35
CA TRP A 46 0.49 -8.17 11.84
C TRP A 46 -0.86 -8.87 11.93
N VAL A 47 -1.87 -8.12 12.39
CA VAL A 47 -3.23 -8.63 12.50
C VAL A 47 -4.12 -8.09 11.37
N SER A 48 -4.31 -6.77 11.31
CA SER A 48 -5.26 -6.24 10.35
C SER A 48 -4.93 -4.79 10.01
N VAL A 49 -5.36 -4.37 8.82
CA VAL A 49 -5.35 -2.97 8.42
C VAL A 49 -6.69 -2.70 7.73
N ILE A 50 -7.27 -1.53 7.98
CA ILE A 50 -8.47 -1.08 7.28
C ILE A 50 -8.18 0.30 6.68
N TYR A 51 -8.58 0.46 5.42
CA TYR A 51 -8.44 1.70 4.69
C TYR A 51 -9.71 2.54 4.85
N SER A 52 -9.62 3.78 4.36
CA SER A 52 -10.78 4.66 4.40
C SER A 52 -11.83 4.29 3.36
N GLY A 53 -11.46 3.53 2.34
CA GLY A 53 -12.42 3.06 1.35
C GLY A 53 -13.17 1.81 1.75
N GLY A 54 -12.91 1.27 2.93
CA GLY A 54 -13.57 0.06 3.37
C GLY A 54 -12.91 -1.22 2.95
N SER A 55 -11.64 -1.17 2.54
CA SER A 55 -10.92 -2.34 2.04
C SER A 55 -10.35 -3.12 3.21
N THR A 56 -10.92 -4.28 3.49
CA THR A 56 -10.49 -5.11 4.61
C THR A 56 -9.31 -5.98 4.16
N TYR A 57 -8.10 -5.61 4.59
CA TYR A 57 -6.91 -6.40 4.34
C TYR A 57 -6.36 -6.89 5.67
N TYR A 58 -6.40 -8.20 5.87
CA TYR A 58 -5.90 -8.81 7.09
C TYR A 58 -5.18 -10.09 6.72
N ALA A 59 -4.44 -10.63 7.69
CA ALA A 59 -3.45 -11.68 7.43
C ALA A 59 -4.12 -13.01 7.11
N ASP A 60 -3.37 -13.86 6.40
CA ASP A 60 -3.90 -15.15 5.94
C ASP A 60 -4.00 -16.19 7.04
N SER A 61 -3.33 -15.98 8.18
CA SER A 61 -3.41 -16.92 9.29
C SER A 61 -4.74 -16.85 10.02
N VAL A 62 -5.45 -15.73 9.92
CA VAL A 62 -6.69 -15.50 10.65
C VAL A 62 -7.84 -15.25 9.67
N LYS A 63 -7.79 -15.95 8.53
CA LYS A 63 -8.77 -15.73 7.46
C LYS A 63 -10.17 -16.21 7.86
N ALA A 64 -11.15 -15.38 7.53
CA ALA A 64 -12.60 -15.60 7.77
C ALA A 64 -12.93 -15.79 9.25
N ARG A 65 -12.14 -15.18 10.15
CA ARG A 65 -12.38 -15.26 11.58
C ARG A 65 -12.45 -13.92 12.28
N PHE A 66 -11.94 -12.84 11.69
CA PHE A 66 -11.94 -11.52 12.30
C PHE A 66 -12.81 -10.60 11.46
N THR A 67 -13.72 -9.86 12.08
CA THR A 67 -14.47 -8.82 11.38
C THR A 67 -14.22 -7.47 12.04
N ILE A 68 -14.09 -6.42 11.23
CA ILE A 68 -13.60 -5.14 11.70
C ILE A 68 -14.34 -4.01 11.01
N SER A 69 -14.81 -3.04 11.80
CA SER A 69 -15.43 -1.83 11.26
C SER A 69 -15.23 -0.68 12.23
N ARG A 70 -15.25 0.54 11.70
CA ARG A 70 -15.06 1.74 12.50
C ARG A 70 -16.42 2.39 12.80
N ASP A 71 -16.51 3.01 13.97
CA ASP A 71 -17.75 3.69 14.35
C ASP A 71 -17.89 5.00 13.59
N ASN A 72 -19.14 5.42 13.40
CA ASN A 72 -19.42 6.62 12.62
C ASN A 72 -19.08 7.90 13.38
N SER A 73 -19.38 7.96 14.68
CA SER A 73 -19.17 9.17 15.46
C SER A 73 -18.51 8.95 16.81
N LYS A 74 -18.41 7.72 17.31
CA LYS A 74 -17.84 7.48 18.63
C LYS A 74 -16.32 7.36 18.62
N ASN A 75 -15.70 7.42 17.43
CA ASN A 75 -14.25 7.38 17.21
C ASN A 75 -13.60 6.12 17.77
N THR A 76 -14.29 4.98 17.65
CA THR A 76 -13.80 3.72 18.20
C THR A 76 -13.85 2.65 17.13
N LEU A 77 -12.72 1.96 16.92
CA LEU A 77 -12.65 0.85 15.99
C LEU A 77 -13.07 -0.44 16.70
N TYR A 78 -13.86 -1.27 16.03
CA TYR A 78 -14.40 -2.48 16.61
C TYR A 78 -13.98 -3.67 15.77
N LEU A 79 -13.63 -4.77 16.43
CA LEU A 79 -13.30 -6.01 15.76
C LEU A 79 -13.81 -7.16 16.62
N GLN A 80 -14.58 -8.04 15.99
CA GLN A 80 -15.13 -9.22 16.64
C GLN A 80 -14.38 -10.44 16.16
N MET A 81 -13.99 -11.31 17.09
CA MET A 81 -13.27 -12.53 16.81
C MET A 81 -14.24 -13.69 16.64
N ASN A 82 -13.82 -14.70 15.90
CA ASN A 82 -14.60 -15.93 15.74
C ASN A 82 -13.67 -17.13 15.84
N SER A 83 -14.04 -18.08 16.71
CA SER A 83 -13.44 -19.42 16.84
C SER A 83 -11.95 -19.36 17.17
N LEU A 84 -11.65 -18.86 18.36
CA LEU A 84 -10.27 -18.65 18.78
C LEU A 84 -9.63 -19.98 19.21
N ARG A 85 -8.45 -20.27 18.65
CA ARG A 85 -7.71 -21.49 18.93
C ARG A 85 -6.60 -21.29 19.97
N ALA A 86 -6.73 -20.26 20.81
CA ALA A 86 -5.93 -20.00 22.01
C ALA A 86 -4.43 -19.79 21.76
N GLU A 87 -4.07 -19.49 20.51
CA GLU A 87 -2.68 -19.11 20.23
C GLU A 87 -2.45 -17.61 20.38
N ASP A 88 -3.52 -16.83 20.50
CA ASP A 88 -3.42 -15.38 20.62
C ASP A 88 -3.36 -14.87 22.06
N THR A 89 -2.85 -15.66 23.01
CA THR A 89 -2.57 -15.13 24.33
C THR A 89 -1.39 -14.19 24.20
N ALA A 90 -1.68 -12.90 24.18
CA ALA A 90 -0.77 -11.87 23.68
C ALA A 90 -1.32 -10.52 24.12
N VAL A 91 -0.70 -9.44 23.64
CA VAL A 91 -1.23 -8.10 23.80
C VAL A 91 -1.47 -7.51 22.42
N TYR A 92 -2.66 -6.96 22.21
CA TYR A 92 -3.07 -6.48 20.89
C TYR A 92 -2.93 -4.96 20.86
N TYR A 93 -2.01 -4.48 20.02
CA TYR A 93 -1.72 -3.06 19.92
C TYR A 93 -2.56 -2.42 18.83
N CYS A 94 -3.21 -1.31 19.19
CA CYS A 94 -4.04 -0.53 18.28
C CYS A 94 -3.30 0.70 17.79
N ALA A 95 -3.46 1.02 16.50
CA ALA A 95 -2.89 2.24 15.96
C ALA A 95 -3.62 2.64 14.69
N ARG A 96 -3.23 3.79 14.18
CA ARG A 96 -3.25 4.02 12.74
C ARG A 96 -1.88 3.72 12.16
N GLU A 97 -1.85 3.28 10.89
CA GLU A 97 -0.58 2.96 10.27
C GLU A 97 0.19 4.25 10.03
N VAL A 98 1.50 4.18 10.25
CA VAL A 98 2.20 5.30 10.87
C VAL A 98 2.52 6.40 9.85
N VAL A 99 2.55 6.08 8.57
CA VAL A 99 2.88 7.09 7.57
C VAL A 99 2.21 6.71 6.25
N GLY A 100 1.65 7.72 5.57
CA GLY A 100 1.16 7.51 4.22
C GLY A 100 2.31 7.36 3.25
N SER A 101 3.00 8.46 2.97
CA SER A 101 4.29 8.42 2.27
C SER A 101 5.39 9.10 3.08
N ASN A 102 5.17 10.34 3.53
CA ASN A 102 6.17 11.07 4.30
C ASN A 102 5.48 12.15 5.12
N SER A 103 5.40 11.95 6.42
CA SER A 103 4.85 12.93 7.36
C SER A 103 5.49 12.72 8.72
N ASN A 104 5.31 13.70 9.61
CA ASN A 104 5.81 13.61 10.98
C ASN A 104 4.83 12.92 11.92
N MET A 105 3.70 12.44 11.39
CA MET A 105 2.70 11.72 12.17
C MET A 105 3.25 10.37 12.64
N ASP A 106 3.13 10.10 13.94
CA ASP A 106 3.76 8.90 14.51
C ASP A 106 3.04 8.21 15.67
N VAL A 107 1.81 8.61 16.06
CA VAL A 107 1.30 8.24 17.38
C VAL A 107 0.84 6.78 17.41
N TRP A 108 1.13 6.11 18.53
CA TRP A 108 0.77 4.74 18.86
C TRP A 108 -0.34 4.73 19.92
N GLY A 109 -0.76 3.52 20.27
CA GLY A 109 -1.82 3.35 21.26
C GLY A 109 -1.55 2.16 22.15
N GLN A 110 -2.03 2.26 23.38
CA GLN A 110 -1.85 1.21 24.37
C GLN A 110 -2.82 0.06 24.15
N GLY A 111 -2.35 -1.15 24.39
CA GLY A 111 -3.16 -2.33 24.22
C GLY A 111 -3.20 -3.17 25.47
N THR A 112 -4.26 -3.95 25.60
CA THR A 112 -4.51 -4.73 26.80
C THR A 112 -3.98 -6.16 26.66
N THR A 113 -3.51 -6.70 27.79
CA THR A 113 -2.91 -8.03 27.83
C THR A 113 -3.99 -9.11 28.03
N VAL A 114 -4.62 -9.47 26.93
CA VAL A 114 -5.67 -10.49 26.95
C VAL A 114 -5.02 -11.86 27.05
N THR A 115 -5.79 -12.83 27.54
CA THR A 115 -5.35 -14.21 27.61
C THR A 115 -6.53 -15.13 27.30
N VAL A 116 -6.23 -16.25 26.64
CA VAL A 116 -7.23 -17.25 26.30
C VAL A 116 -6.76 -18.58 26.85
N SER A 117 -7.52 -19.14 27.79
CA SER A 117 -7.17 -20.42 28.38
C SER A 117 -8.45 -21.12 28.85
N SER A 118 -8.39 -22.45 28.89
CA SER A 118 -9.54 -23.22 29.33
C SER A 118 -9.73 -23.12 30.85
N ALA A 119 -8.62 -23.02 31.58
CA ALA A 119 -8.70 -22.78 33.02
C ALA A 119 -9.12 -21.34 33.29
N SER A 120 -10.05 -21.18 34.23
CA SER A 120 -10.59 -19.87 34.55
C SER A 120 -9.71 -19.19 35.60
N THR A 121 -10.21 -18.10 36.17
CA THR A 121 -9.46 -17.38 37.21
C THR A 121 -9.48 -18.17 38.50
N LYS A 122 -8.29 -18.41 39.06
CA LYS A 122 -8.17 -19.21 40.27
C LYS A 122 -7.55 -18.40 41.40
N PRO B 328 -11.56 -7.01 -50.11
CA PRO B 328 -11.78 -6.10 -48.97
C PRO B 328 -11.71 -4.63 -49.37
N ASN B 329 -10.79 -3.88 -48.75
CA ASN B 329 -10.69 -2.44 -48.99
C ASN B 329 -9.28 -1.98 -48.62
N ILE B 330 -8.93 -0.80 -49.10
CA ILE B 330 -7.68 -0.16 -48.70
C ILE B 330 -7.78 0.28 -47.26
N THR B 331 -6.75 -0.06 -46.47
CA THR B 331 -6.77 0.17 -45.03
C THR B 331 -6.57 1.65 -44.70
N ASN B 332 -6.72 1.96 -43.41
CA ASN B 332 -6.66 3.32 -42.91
C ASN B 332 -5.64 3.39 -41.77
N LEU B 333 -4.92 4.51 -41.69
CA LEU B 333 -4.04 4.76 -40.56
C LEU B 333 -4.88 4.93 -39.30
N CYS B 334 -4.33 4.50 -38.16
CA CYS B 334 -5.18 4.47 -36.98
C CYS B 334 -4.36 5.10 -35.84
N PRO B 335 -4.96 5.94 -34.98
CA PRO B 335 -4.16 6.69 -34.00
C PRO B 335 -3.74 5.92 -32.75
N PHE B 336 -3.73 4.59 -32.81
CA PHE B 336 -3.28 3.73 -31.70
C PHE B 336 -1.86 4.07 -31.25
N ASP B 337 -0.96 4.31 -32.21
CA ASP B 337 0.41 4.71 -31.90
C ASP B 337 0.47 6.07 -31.22
N GLU B 338 -0.54 6.93 -31.47
CA GLU B 338 -0.66 8.22 -30.79
C GLU B 338 -0.86 8.03 -29.28
N VAL B 339 -1.54 6.95 -28.87
CA VAL B 339 -1.60 6.65 -27.44
C VAL B 339 -0.60 5.55 -27.09
N PHE B 340 0.16 5.03 -28.06
CA PHE B 340 1.20 4.07 -27.76
C PHE B 340 2.60 4.67 -27.80
N ASN B 341 2.72 5.96 -28.11
CA ASN B 341 4.03 6.61 -28.15
C ASN B 341 3.86 8.09 -27.82
N ALA B 342 4.44 8.50 -26.70
CA ALA B 342 4.45 9.91 -26.30
C ALA B 342 5.66 10.14 -25.40
N THR B 343 6.06 11.40 -25.30
CA THR B 343 7.21 11.74 -24.45
C THR B 343 6.85 11.73 -22.97
N ARG B 344 5.57 11.84 -22.62
CA ARG B 344 5.12 11.83 -21.23
C ARG B 344 3.65 11.46 -21.20
N PHE B 345 3.33 10.34 -20.55
CA PHE B 345 1.93 10.05 -20.28
C PHE B 345 1.44 10.84 -19.07
N ALA B 346 0.13 10.84 -18.88
CA ALA B 346 -0.46 11.50 -17.73
C ALA B 346 -0.18 10.73 -16.45
N SER B 347 -0.24 11.44 -15.33
CA SER B 347 0.04 10.83 -14.04
C SER B 347 -1.18 10.09 -13.52
N VAL B 348 -1.07 9.59 -12.28
CA VAL B 348 -2.09 8.71 -11.72
C VAL B 348 -3.31 9.47 -11.27
N TYR B 349 -3.18 10.79 -11.02
CA TYR B 349 -4.30 11.59 -10.52
C TYR B 349 -5.40 11.75 -11.57
N ALA B 350 -5.01 11.82 -12.84
CA ALA B 350 -5.98 11.95 -13.93
C ALA B 350 -5.63 10.91 -14.99
N TRP B 351 -6.42 9.85 -15.06
CA TRP B 351 -6.31 8.89 -16.15
C TRP B 351 -6.83 9.57 -17.41
N ASN B 352 -5.92 9.92 -18.31
CA ASN B 352 -6.26 10.70 -19.49
C ASN B 352 -7.02 9.84 -20.49
N ARG B 353 -8.30 10.13 -20.64
CA ARG B 353 -9.15 9.41 -21.58
C ARG B 353 -8.82 9.83 -23.01
N LYS B 354 -9.08 8.93 -23.94
CA LYS B 354 -8.91 9.20 -25.38
C LYS B 354 -9.93 8.34 -26.10
N ARG B 355 -11.09 8.92 -26.40
CA ARG B 355 -12.20 8.18 -27.02
C ARG B 355 -11.89 8.00 -28.50
N ILE B 356 -11.21 6.91 -28.82
CA ILE B 356 -10.97 6.55 -30.21
C ILE B 356 -12.25 6.02 -30.82
N SER B 357 -12.66 6.60 -31.95
CA SER B 357 -13.85 6.16 -32.63
C SER B 357 -13.63 6.24 -34.13
N ASN B 358 -14.30 5.33 -34.85
CA ASN B 358 -14.22 5.14 -36.30
C ASN B 358 -12.78 4.90 -36.76
N CYS B 359 -12.22 3.78 -36.30
CA CYS B 359 -10.87 3.42 -36.73
C CYS B 359 -10.83 1.93 -37.06
N VAL B 360 -9.66 1.48 -37.52
CA VAL B 360 -9.46 0.06 -37.79
C VAL B 360 -8.84 -0.62 -36.57
N ALA B 361 -8.91 -1.95 -36.56
CA ALA B 361 -8.40 -2.76 -35.45
C ALA B 361 -7.14 -3.48 -35.92
N ASP B 362 -6.00 -3.14 -35.32
CA ASP B 362 -4.72 -3.77 -35.63
C ASP B 362 -3.90 -3.65 -34.35
N TYR B 363 -3.46 -4.80 -33.83
CA TYR B 363 -2.70 -4.82 -32.58
C TYR B 363 -1.41 -5.63 -32.66
N SER B 364 -0.94 -5.98 -33.86
CA SER B 364 0.31 -6.73 -33.96
C SER B 364 1.53 -5.84 -33.71
N VAL B 365 1.40 -4.52 -33.95
CA VAL B 365 2.46 -3.57 -33.64
C VAL B 365 2.65 -3.44 -32.13
N LEU B 366 1.57 -3.67 -31.36
CA LEU B 366 1.66 -3.75 -29.91
C LEU B 366 2.49 -4.95 -29.46
N TYR B 367 2.36 -6.08 -30.15
CA TYR B 367 3.20 -7.23 -29.85
C TYR B 367 4.64 -6.99 -30.30
N ASN B 368 4.82 -6.26 -31.41
CA ASN B 368 6.16 -6.04 -31.94
C ASN B 368 6.92 -4.97 -31.15
N LEU B 369 6.24 -4.19 -30.32
CA LEU B 369 6.89 -3.11 -29.60
C LEU B 369 7.73 -3.62 -28.44
N ALA B 370 7.25 -4.64 -27.73
CA ALA B 370 7.92 -5.17 -26.55
C ALA B 370 8.37 -6.60 -26.79
N PRO B 371 9.32 -7.10 -26.00
CA PRO B 371 9.51 -8.56 -25.92
C PRO B 371 8.27 -9.21 -25.35
N PHE B 372 8.03 -10.46 -25.75
CA PHE B 372 6.71 -11.07 -25.65
C PHE B 372 6.31 -11.37 -24.20
N PHE B 373 5.15 -10.85 -23.83
CA PHE B 373 4.56 -11.04 -22.51
C PHE B 373 3.11 -11.47 -22.70
N THR B 374 2.56 -12.06 -21.65
CA THR B 374 1.11 -12.21 -21.61
C THR B 374 0.48 -10.86 -21.27
N PHE B 375 -0.70 -10.60 -21.82
CA PHE B 375 -1.45 -9.41 -21.43
C PHE B 375 -1.97 -9.55 -20.00
N LYS B 376 -2.26 -10.78 -19.57
CA LYS B 376 -2.99 -11.11 -18.34
C LYS B 376 -4.29 -10.34 -18.24
N CYS B 377 -5.10 -10.38 -19.30
CA CYS B 377 -6.23 -9.49 -19.34
C CYS B 377 -7.53 -10.29 -19.46
N TYR B 378 -8.62 -9.69 -19.00
CA TYR B 378 -9.76 -10.41 -18.44
C TYR B 378 -10.99 -10.48 -19.34
N GLY B 379 -11.32 -9.42 -20.07
CA GLY B 379 -12.58 -9.38 -20.79
C GLY B 379 -12.67 -10.26 -22.03
N VAL B 380 -11.86 -9.94 -23.03
CA VAL B 380 -11.89 -10.64 -24.31
C VAL B 380 -10.50 -11.22 -24.53
N SER B 381 -10.44 -12.46 -25.04
CA SER B 381 -9.17 -13.15 -25.21
C SER B 381 -8.32 -12.48 -26.29
N PRO B 382 -6.99 -12.41 -26.10
CA PRO B 382 -6.16 -11.62 -27.02
C PRO B 382 -5.96 -12.24 -28.40
N THR B 383 -6.27 -13.52 -28.57
CA THR B 383 -6.12 -14.14 -29.89
C THR B 383 -7.19 -13.72 -30.88
N LYS B 384 -8.31 -13.16 -30.42
CA LYS B 384 -9.33 -12.63 -31.30
C LYS B 384 -9.73 -11.20 -30.98
N LEU B 385 -8.79 -10.34 -30.59
CA LEU B 385 -9.05 -8.91 -30.53
C LEU B 385 -9.15 -8.28 -31.92
N ASN B 386 -8.57 -8.93 -32.94
CA ASN B 386 -8.65 -8.41 -34.29
C ASN B 386 -10.06 -8.56 -34.87
N ASP B 387 -10.70 -9.70 -34.62
CA ASP B 387 -12.09 -9.89 -35.00
C ASP B 387 -12.97 -9.59 -33.79
N LEU B 388 -14.26 -9.88 -33.91
CA LEU B 388 -15.31 -9.61 -32.90
C LEU B 388 -15.34 -8.14 -32.52
N CYS B 389 -15.65 -7.31 -33.50
CA CYS B 389 -15.40 -5.88 -33.39
C CYS B 389 -16.58 -5.14 -32.76
N PHE B 390 -16.32 -3.90 -32.36
CA PHE B 390 -17.11 -3.19 -31.37
C PHE B 390 -17.63 -1.88 -31.94
N THR B 391 -18.35 -1.12 -31.10
CA THR B 391 -18.93 0.14 -31.52
C THR B 391 -18.14 1.33 -30.99
N ASN B 392 -17.48 1.16 -29.84
CA ASN B 392 -16.76 2.25 -29.18
C ASN B 392 -15.65 1.66 -28.31
N VAL B 393 -14.41 2.09 -28.56
CA VAL B 393 -13.29 1.76 -27.68
C VAL B 393 -12.99 3.03 -26.86
N TYR B 394 -12.83 2.82 -25.56
CA TYR B 394 -12.53 3.91 -24.63
C TYR B 394 -11.17 3.62 -23.98
N ALA B 395 -10.14 4.36 -24.38
CA ALA B 395 -8.76 4.04 -24.04
C ALA B 395 -8.23 5.01 -22.99
N ASP B 396 -7.31 4.52 -22.17
CA ASP B 396 -6.76 5.29 -21.07
C ASP B 396 -5.23 5.26 -21.15
N SER B 397 -4.58 6.16 -20.42
CA SER B 397 -3.13 6.29 -20.54
C SER B 397 -2.57 6.85 -19.24
N PHE B 398 -1.88 6.00 -18.48
CA PHE B 398 -1.41 6.30 -17.12
C PHE B 398 -0.30 5.30 -16.77
N VAL B 399 0.57 5.71 -15.84
CA VAL B 399 1.84 5.04 -15.59
C VAL B 399 1.96 4.73 -14.10
N ILE B 400 2.15 3.45 -13.77
CA ILE B 400 2.10 2.94 -12.40
C ILE B 400 3.21 1.92 -12.15
N ARG B 401 3.16 1.33 -10.96
CA ARG B 401 4.08 0.32 -10.47
C ARG B 401 3.59 -1.09 -10.82
N GLY B 402 4.50 -2.06 -10.75
CA GLY B 402 4.20 -3.41 -11.22
C GLY B 402 3.28 -4.18 -10.28
N ASP B 403 3.28 -3.81 -9.00
CA ASP B 403 2.33 -4.37 -8.05
C ASP B 403 0.92 -3.93 -8.41
N GLU B 404 0.77 -2.70 -8.88
CA GLU B 404 -0.55 -2.31 -9.36
C GLU B 404 -0.80 -2.74 -10.80
N VAL B 405 0.23 -3.21 -11.51
CA VAL B 405 -0.01 -3.93 -12.77
C VAL B 405 -0.67 -5.28 -12.49
N ARG B 406 -0.16 -6.03 -11.50
CA ARG B 406 -0.86 -7.27 -11.16
C ARG B 406 -2.13 -7.02 -10.33
N GLN B 407 -2.30 -5.82 -9.80
CA GLN B 407 -3.38 -5.47 -8.89
C GLN B 407 -4.47 -4.62 -9.56
N ILE B 408 -4.32 -4.28 -10.84
CA ILE B 408 -5.27 -3.42 -11.56
C ILE B 408 -6.58 -4.16 -11.90
N ALA B 409 -6.64 -5.47 -11.65
CA ALA B 409 -7.75 -6.34 -12.00
C ALA B 409 -9.05 -5.93 -11.29
N PRO B 410 -10.20 -6.14 -11.94
CA PRO B 410 -11.48 -5.80 -11.30
C PRO B 410 -11.79 -6.71 -10.12
N GLY B 411 -12.24 -6.10 -9.03
CA GLY B 411 -12.54 -6.80 -7.80
C GLY B 411 -11.54 -6.58 -6.69
N GLN B 412 -10.27 -6.35 -7.02
CA GLN B 412 -9.26 -6.06 -6.01
C GLN B 412 -9.17 -4.57 -5.75
N THR B 413 -8.91 -4.21 -4.50
CA THR B 413 -8.80 -2.84 -4.04
C THR B 413 -7.36 -2.52 -3.67
N GLY B 414 -7.15 -1.33 -3.15
CA GLY B 414 -5.81 -0.89 -2.79
C GLY B 414 -5.77 0.62 -2.66
N ASN B 415 -4.76 1.20 -3.32
CA ASN B 415 -4.62 2.66 -3.27
C ASN B 415 -4.76 3.30 -4.65
N ILE B 416 -4.10 2.77 -5.66
CA ILE B 416 -4.42 3.15 -7.03
C ILE B 416 -5.73 2.53 -7.50
N ALA B 417 -5.96 1.25 -7.17
CA ALA B 417 -7.18 0.58 -7.63
C ALA B 417 -8.43 1.07 -6.92
N ASP B 418 -8.29 1.69 -5.75
CA ASP B 418 -9.44 2.29 -5.08
C ASP B 418 -9.49 3.79 -5.26
N TYR B 419 -8.42 4.49 -4.90
CA TYR B 419 -8.45 5.94 -4.74
C TYR B 419 -8.03 6.66 -6.01
N ASN B 420 -7.70 5.93 -7.07
CA ASN B 420 -7.31 6.59 -8.31
C ASN B 420 -8.09 6.10 -9.53
N TYR B 421 -8.32 4.80 -9.63
CA TYR B 421 -8.85 4.22 -10.86
C TYR B 421 -9.44 2.85 -10.55
N LYS B 422 -10.76 2.72 -10.68
CA LYS B 422 -11.45 1.47 -10.38
C LYS B 422 -12.22 0.99 -11.60
N LEU B 423 -12.29 -0.33 -11.76
CA LEU B 423 -12.90 -1.00 -12.88
C LEU B 423 -14.27 -1.55 -12.49
N PRO B 424 -15.21 -1.67 -13.43
CA PRO B 424 -16.48 -2.33 -13.11
C PRO B 424 -16.33 -3.83 -12.96
N ASP B 425 -17.37 -4.45 -12.41
CA ASP B 425 -17.40 -5.90 -12.28
C ASP B 425 -17.83 -6.57 -13.58
N ASP B 426 -18.59 -5.86 -14.42
CA ASP B 426 -18.96 -6.31 -15.75
C ASP B 426 -18.07 -5.71 -16.83
N PHE B 427 -16.79 -5.48 -16.52
CA PHE B 427 -15.86 -4.76 -17.39
C PHE B 427 -15.50 -5.60 -18.61
N THR B 428 -16.03 -5.20 -19.77
CA THR B 428 -15.68 -5.78 -21.05
C THR B 428 -14.58 -4.95 -21.71
N GLY B 429 -13.51 -5.63 -22.11
CA GLY B 429 -12.25 -5.01 -22.48
C GLY B 429 -11.16 -5.49 -21.54
N CYS B 430 -9.89 -5.31 -21.96
CA CYS B 430 -8.83 -5.79 -21.10
C CYS B 430 -7.56 -4.97 -21.27
N VAL B 431 -6.69 -5.02 -20.24
CA VAL B 431 -5.54 -4.14 -20.10
C VAL B 431 -4.32 -4.65 -20.88
N ILE B 432 -3.35 -3.75 -21.11
CA ILE B 432 -2.08 -4.06 -21.75
C ILE B 432 -0.98 -3.36 -20.97
N ALA B 433 0.09 -4.09 -20.63
CA ALA B 433 1.19 -3.52 -19.85
C ALA B 433 2.53 -3.83 -20.49
N TRP B 434 3.51 -2.95 -20.27
CA TRP B 434 4.89 -3.18 -20.65
C TRP B 434 5.81 -2.36 -19.76
N ASN B 435 7.07 -2.77 -19.68
CA ASN B 435 8.07 -2.07 -18.88
C ASN B 435 8.58 -0.83 -19.61
N SER B 436 8.93 0.19 -18.83
CA SER B 436 9.34 1.48 -19.39
C SER B 436 10.54 2.05 -18.64
N ASN B 437 11.56 1.22 -18.42
CA ASN B 437 12.78 1.69 -17.77
C ASN B 437 13.56 2.64 -18.66
N LYS B 438 13.63 2.35 -19.95
CA LYS B 438 14.48 3.13 -20.86
C LYS B 438 13.86 4.49 -21.22
N LEU B 439 12.53 4.62 -21.21
CA LEU B 439 11.92 5.91 -21.52
C LEU B 439 11.61 6.73 -20.27
N ASP B 440 10.77 6.21 -19.37
CA ASP B 440 10.22 7.03 -18.30
C ASP B 440 11.19 7.27 -17.16
N SER B 441 12.04 6.30 -16.86
CA SER B 441 12.93 6.42 -15.70
C SER B 441 14.11 7.33 -16.00
N LYS B 442 14.48 8.16 -15.02
CA LYS B 442 15.62 9.10 -15.19
C LYS B 442 16.63 8.79 -14.09
N VAL B 443 17.93 9.03 -14.32
CA VAL B 443 18.97 8.66 -13.32
C VAL B 443 18.71 9.43 -12.02
N SER B 444 18.40 10.74 -12.12
CA SER B 444 18.04 11.53 -10.91
C SER B 444 16.74 10.99 -10.33
N GLY B 445 15.80 10.59 -11.19
CA GLY B 445 14.48 10.11 -10.74
C GLY B 445 13.42 11.16 -11.06
N ASN B 446 12.62 10.91 -12.09
CA ASN B 446 11.59 11.91 -12.51
C ASN B 446 10.45 11.89 -11.50
N TYR B 447 10.26 12.99 -10.76
CA TYR B 447 9.16 13.03 -9.79
C TYR B 447 7.93 13.71 -10.39
N ASN B 448 7.80 13.72 -11.72
CA ASN B 448 6.63 14.32 -12.35
C ASN B 448 5.42 13.41 -12.23
N TYR B 449 5.65 12.10 -12.06
CA TYR B 449 4.55 11.15 -11.91
C TYR B 449 4.16 11.07 -10.44
N LEU B 450 2.89 11.35 -10.14
CA LEU B 450 2.42 11.43 -8.77
C LEU B 450 1.01 10.85 -8.68
N TYR B 451 0.64 10.40 -7.48
CA TYR B 451 -0.54 9.60 -7.26
C TYR B 451 -1.33 10.10 -6.06
N ARG B 452 -2.62 9.79 -6.07
CA ARG B 452 -3.52 10.14 -4.97
C ARG B 452 -3.50 9.01 -3.95
N LEU B 453 -2.90 9.25 -2.79
CA LEU B 453 -2.87 8.28 -1.71
C LEU B 453 -4.03 8.52 -0.74
N PHE B 454 -4.40 9.77 -0.54
CA PHE B 454 -5.51 10.12 0.34
C PHE B 454 -6.66 10.74 -0.46
N ARG B 455 -7.72 9.96 -0.67
CA ARG B 455 -8.96 10.48 -1.23
C ARG B 455 -10.18 10.16 -0.36
N LYS B 456 -10.20 8.98 0.30
CA LYS B 456 -11.06 8.66 1.45
C LYS B 456 -12.54 8.65 1.10
N SER B 457 -12.84 8.33 -0.15
CA SER B 457 -14.20 8.06 -0.58
C SER B 457 -14.11 6.89 -1.55
N ASN B 458 -14.95 5.88 -1.34
CA ASN B 458 -14.94 4.71 -2.22
C ASN B 458 -15.46 5.14 -3.58
N LEU B 459 -14.82 4.63 -4.63
CA LEU B 459 -14.93 5.17 -5.96
C LEU B 459 -15.87 4.29 -6.77
N LYS B 460 -16.87 4.90 -7.41
CA LYS B 460 -17.65 4.18 -8.39
C LYS B 460 -16.81 3.96 -9.65
N PRO B 461 -17.12 2.93 -10.44
CA PRO B 461 -16.34 2.67 -11.65
C PRO B 461 -16.44 3.77 -12.70
N PHE B 462 -15.30 4.08 -13.31
CA PHE B 462 -15.11 5.00 -14.43
C PHE B 462 -15.57 6.42 -14.19
N GLU B 463 -14.93 7.13 -13.26
CA GLU B 463 -15.00 8.58 -13.21
C GLU B 463 -13.68 9.11 -12.65
N ARG B 464 -13.42 10.39 -12.91
CA ARG B 464 -12.17 11.03 -12.57
C ARG B 464 -12.41 12.08 -11.49
N ASP B 465 -11.54 12.07 -10.47
CA ASP B 465 -11.63 13.02 -9.37
C ASP B 465 -10.31 13.75 -9.23
N ILE B 466 -10.35 15.08 -9.27
CA ILE B 466 -9.17 15.92 -9.08
C ILE B 466 -9.42 16.74 -7.82
N SER B 467 -8.95 16.23 -6.68
CA SER B 467 -9.00 16.97 -5.43
C SER B 467 -7.58 17.42 -5.09
N THR B 468 -7.19 18.55 -5.69
CA THR B 468 -5.85 19.09 -5.48
C THR B 468 -5.71 19.73 -4.10
N GLU B 469 -6.80 20.29 -3.57
CA GLU B 469 -6.79 21.03 -2.31
C GLU B 469 -6.55 20.13 -1.10
N ILE B 470 -6.03 20.75 -0.03
CA ILE B 470 -5.54 20.01 1.11
C ILE B 470 -6.71 19.54 1.98
N TYR B 471 -6.56 18.35 2.57
CA TYR B 471 -7.57 17.76 3.45
C TYR B 471 -7.20 18.04 4.90
N GLN B 472 -8.23 18.15 5.75
CA GLN B 472 -8.05 18.40 7.17
C GLN B 472 -8.64 17.23 7.98
N ALA B 473 -7.84 16.74 8.91
CA ALA B 473 -8.24 15.59 9.71
C ALA B 473 -7.89 15.81 11.17
N GLY B 474 -8.71 15.26 12.04
CA GLY B 474 -8.47 15.33 13.48
C GLY B 474 -9.43 16.22 14.22
N ASN B 475 -10.58 16.52 13.59
CA ASN B 475 -11.64 17.40 14.11
C ASN B 475 -11.13 18.80 14.46
N LYS B 476 -10.18 19.30 13.68
CA LYS B 476 -9.56 20.61 13.89
C LYS B 476 -9.56 21.33 12.56
N PRO B 477 -10.26 22.49 12.47
CA PRO B 477 -10.34 23.22 11.20
C PRO B 477 -9.01 23.82 10.76
N CYS B 478 -8.41 23.23 9.72
CA CYS B 478 -7.09 23.65 9.25
C CYS B 478 -7.19 24.83 8.30
N ASN B 479 -7.73 24.56 7.09
CA ASN B 479 -8.02 25.54 6.04
C ASN B 479 -6.82 26.37 5.57
N GLY B 480 -5.60 25.89 5.81
CA GLY B 480 -4.41 26.64 5.48
C GLY B 480 -3.44 25.89 4.59
N VAL B 481 -2.19 26.29 4.68
CA VAL B 481 -1.09 25.69 3.92
C VAL B 481 -0.06 25.19 4.93
N ALA B 482 0.33 23.91 4.79
CA ALA B 482 1.44 23.25 5.47
C ALA B 482 1.35 23.26 6.99
N GLY B 483 0.36 22.56 7.53
CA GLY B 483 0.26 22.42 8.98
C GLY B 483 0.25 20.95 9.36
N PHE B 484 0.39 20.71 10.67
CA PHE B 484 0.28 19.35 11.18
C PHE B 484 -1.17 18.89 11.08
N ASN B 485 -1.34 17.60 10.72
CA ASN B 485 -2.62 16.96 10.36
C ASN B 485 -3.35 17.67 9.23
N CYS B 486 -2.59 18.24 8.30
CA CYS B 486 -3.11 18.89 7.10
C CYS B 486 -2.31 18.28 5.94
N TYR B 487 -2.88 17.27 5.29
CA TYR B 487 -2.12 16.39 4.41
C TYR B 487 -2.44 16.71 2.96
N PHE B 488 -1.40 16.91 2.16
CA PHE B 488 -1.58 17.18 0.75
C PHE B 488 -1.86 15.87 0.02
N PRO B 489 -2.98 15.75 -0.71
CA PRO B 489 -3.42 14.43 -1.20
C PRO B 489 -2.64 13.85 -2.36
N LEU B 490 -1.65 14.55 -2.91
CA LEU B 490 -0.97 14.12 -4.13
C LEU B 490 0.53 14.00 -3.88
N ARG B 491 0.97 12.80 -3.55
CA ARG B 491 2.39 12.52 -3.36
C ARG B 491 2.92 11.71 -4.54
N SER B 492 4.25 11.61 -4.63
CA SER B 492 4.90 11.28 -5.89
C SER B 492 5.59 9.92 -5.88
N TYR B 493 5.52 9.26 -7.03
CA TYR B 493 6.41 8.15 -7.35
C TYR B 493 7.86 8.62 -7.42
N SER B 494 8.77 7.71 -7.10
CA SER B 494 10.20 7.88 -7.35
C SER B 494 10.64 6.82 -8.36
N PHE B 495 11.34 7.26 -9.40
CA PHE B 495 11.65 6.41 -10.55
C PHE B 495 13.15 6.40 -10.84
N ARG B 496 13.94 6.16 -9.80
CA ARG B 496 15.38 5.94 -9.99
C ARG B 496 15.60 4.60 -10.68
N PRO B 497 16.50 4.54 -11.67
CA PRO B 497 16.58 3.35 -12.54
C PRO B 497 17.34 2.18 -11.94
N THR B 498 17.92 2.32 -10.75
CA THR B 498 18.67 1.22 -10.16
C THR B 498 17.79 0.20 -9.47
N TYR B 499 16.48 0.46 -9.35
CA TYR B 499 15.59 -0.47 -8.69
C TYR B 499 15.25 -1.64 -9.60
N GLY B 500 14.70 -2.70 -9.00
CA GLY B 500 14.37 -3.89 -9.74
C GLY B 500 12.91 -3.97 -10.14
N VAL B 501 12.49 -5.14 -10.63
CA VAL B 501 11.14 -5.31 -11.16
C VAL B 501 10.12 -5.30 -10.03
N GLY B 502 9.12 -4.43 -10.17
CA GLY B 502 8.11 -4.20 -9.17
C GLY B 502 7.97 -2.76 -8.74
N HIS B 503 9.02 -1.96 -8.92
CA HIS B 503 8.96 -0.53 -8.60
C HIS B 503 9.33 0.32 -9.81
N GLN B 504 9.37 -0.28 -10.99
CA GLN B 504 9.70 0.40 -12.23
C GLN B 504 8.48 1.11 -12.77
N PRO B 505 8.64 2.10 -13.66
CA PRO B 505 7.46 2.64 -14.34
C PRO B 505 6.92 1.69 -15.39
N TYR B 506 5.60 1.56 -15.42
CA TYR B 506 4.89 0.76 -16.40
C TYR B 506 3.76 1.59 -16.99
N ARG B 507 3.75 1.69 -18.31
CA ARG B 507 2.71 2.41 -19.03
C ARG B 507 1.61 1.42 -19.39
N VAL B 508 0.45 1.56 -18.76
CA VAL B 508 -0.68 0.67 -19.01
C VAL B 508 -1.70 1.44 -19.85
N VAL B 509 -2.17 0.78 -20.91
CA VAL B 509 -3.19 1.35 -21.79
C VAL B 509 -4.46 0.51 -21.65
N VAL B 510 -5.35 0.93 -20.76
CA VAL B 510 -6.54 0.15 -20.47
C VAL B 510 -7.58 0.44 -21.55
N LEU B 511 -7.67 -0.45 -22.54
CA LEU B 511 -8.75 -0.38 -23.50
C LEU B 511 -10.03 -0.93 -22.89
N SER B 512 -11.15 -0.30 -23.24
CA SER B 512 -12.44 -0.76 -22.75
C SER B 512 -13.47 -0.58 -23.85
N PHE B 513 -14.39 -1.53 -23.97
CA PHE B 513 -15.45 -1.49 -24.97
C PHE B 513 -16.80 -1.44 -24.27
N GLU B 514 -17.67 -0.57 -24.76
CA GLU B 514 -19.06 -0.54 -24.33
C GLU B 514 -19.95 -0.71 -25.56
N LEU B 515 -21.10 -1.34 -25.35
CA LEU B 515 -21.99 -1.71 -26.45
C LEU B 515 -23.31 -0.97 -26.25
N LEU B 516 -23.45 0.15 -26.95
CA LEU B 516 -24.63 1.01 -26.89
C LEU B 516 -25.66 0.62 -27.94
N HIS B 517 -25.38 -0.44 -28.71
CA HIS B 517 -26.09 -0.86 -29.93
C HIS B 517 -26.12 0.23 -30.99
N ALA B 518 -25.06 1.04 -31.05
CA ALA B 518 -24.87 2.00 -32.13
C ALA B 518 -24.41 1.26 -33.39
N PRO B 519 -24.52 1.91 -34.56
CA PRO B 519 -23.81 1.40 -35.75
C PRO B 519 -22.31 1.37 -35.52
N ALA B 520 -21.73 0.18 -35.67
CA ALA B 520 -20.33 -0.06 -35.32
C ALA B 520 -19.42 0.56 -36.36
N THR B 521 -18.63 1.55 -35.95
CA THR B 521 -17.68 2.22 -36.82
C THR B 521 -16.25 1.77 -36.62
N VAL B 522 -15.98 0.94 -35.61
CA VAL B 522 -14.63 0.47 -35.31
C VAL B 522 -14.59 -1.02 -35.64
N CYS B 523 -13.98 -1.37 -36.76
CA CYS B 523 -13.85 -2.79 -37.11
C CYS B 523 -12.62 -2.98 -37.98
N GLY B 524 -12.17 -4.24 -38.04
CA GLY B 524 -10.94 -4.60 -38.71
C GLY B 524 -11.13 -4.96 -40.18
N PRO B 525 -10.08 -5.53 -40.79
CA PRO B 525 -10.15 -5.83 -42.24
C PRO B 525 -11.02 -7.05 -42.53
N LYS B 526 -11.98 -6.87 -43.43
CA LYS B 526 -12.90 -7.93 -43.82
C LYS B 526 -13.50 -7.56 -45.18
N LYS B 527 -14.00 -8.57 -45.88
CA LYS B 527 -14.78 -8.38 -47.10
C LYS B 527 -16.16 -8.98 -46.91
N SER B 528 -17.20 -8.20 -47.20
CA SER B 528 -18.57 -8.66 -47.03
C SER B 528 -19.25 -8.87 -48.38
N ASP C 1 4.29 -13.39 0.72
CA ASP C 1 4.96 -13.17 1.99
C ASP C 1 6.43 -12.84 1.76
N ILE C 2 6.98 -11.96 2.60
CA ILE C 2 8.38 -11.54 2.51
C ILE C 2 9.09 -11.99 3.78
N GLN C 3 10.18 -12.74 3.61
CA GLN C 3 10.95 -13.25 4.74
C GLN C 3 11.82 -12.13 5.28
N MET C 4 11.39 -11.52 6.38
CA MET C 4 12.14 -10.46 7.03
C MET C 4 13.15 -11.09 7.98
N THR C 5 14.44 -11.03 7.62
CA THR C 5 15.47 -11.76 8.35
C THR C 5 16.54 -10.79 8.86
N GLN C 6 17.11 -11.13 10.02
CA GLN C 6 18.28 -10.43 10.54
C GLN C 6 19.18 -11.43 11.26
N SER C 7 20.47 -11.39 10.91
CA SER C 7 21.49 -12.20 11.58
C SER C 7 22.05 -11.60 12.88
N PRO C 8 22.46 -10.27 12.97
CA PRO C 8 22.99 -9.80 14.26
C PRO C 8 21.90 -9.57 15.30
N SER C 9 21.52 -10.63 16.02
CA SER C 9 20.34 -10.58 16.87
C SER C 9 20.58 -9.78 18.15
N SER C 10 21.69 -10.01 18.83
CA SER C 10 21.90 -9.48 20.18
C SER C 10 23.17 -8.65 20.25
N LEU C 11 23.02 -7.33 20.14
CA LEU C 11 24.15 -6.41 20.32
C LEU C 11 24.10 -5.80 21.72
N SER C 12 24.28 -6.66 22.71
CA SER C 12 24.43 -6.21 24.09
C SER C 12 25.87 -5.91 24.46
N ALA C 13 26.82 -6.20 23.55
CA ALA C 13 28.23 -5.95 23.83
C ALA C 13 28.59 -4.48 23.68
N SER C 14 27.91 -3.75 22.81
CA SER C 14 28.26 -2.37 22.55
C SER C 14 27.74 -1.45 23.66
N VAL C 15 28.65 -0.72 24.29
CA VAL C 15 28.30 0.31 25.27
C VAL C 15 28.92 1.61 24.77
N GLY C 16 28.08 2.50 24.24
CA GLY C 16 28.52 3.77 23.67
C GLY C 16 29.41 3.62 22.46
N ASP C 17 29.17 2.60 21.63
CA ASP C 17 30.09 2.24 20.57
C ASP C 17 29.29 1.98 19.29
N ARG C 18 29.98 1.43 18.29
CA ARG C 18 29.42 1.25 16.96
C ARG C 18 28.39 0.12 16.94
N VAL C 19 27.25 0.39 16.31
CA VAL C 19 26.17 -0.59 16.14
C VAL C 19 25.99 -0.84 14.64
N THR C 20 26.06 -2.10 14.24
CA THR C 20 25.99 -2.52 12.84
C THR C 20 24.73 -3.35 12.58
N ILE C 21 23.59 -2.89 13.11
CA ILE C 21 22.34 -3.60 12.96
C ILE C 21 21.82 -3.48 11.52
N THR C 22 21.26 -4.57 11.01
CA THR C 22 20.74 -4.62 9.64
C THR C 22 19.61 -5.63 9.56
N CYS C 23 18.80 -5.48 8.51
CA CYS C 23 17.80 -6.48 8.15
C CYS C 23 17.76 -6.68 6.64
N GLN C 24 17.22 -7.83 6.24
CA GLN C 24 17.18 -8.26 4.85
C GLN C 24 15.80 -8.76 4.48
N ALA C 25 15.50 -8.70 3.18
CA ALA C 25 14.22 -9.13 2.65
C ALA C 25 14.44 -10.16 1.56
N SER C 26 13.43 -11.01 1.34
CA SER C 26 13.53 -12.07 0.36
C SER C 26 13.38 -11.55 -1.06
N GLN C 27 12.24 -10.93 -1.36
CA GLN C 27 12.05 -10.28 -2.65
C GLN C 27 12.64 -8.87 -2.59
N ASP C 28 12.88 -8.27 -3.75
CA ASP C 28 13.46 -6.95 -3.85
C ASP C 28 12.41 -5.90 -3.51
N ILE C 29 12.67 -5.10 -2.49
CA ILE C 29 11.84 -3.97 -2.11
C ILE C 29 12.70 -2.72 -2.13
N ASN C 30 12.05 -1.57 -2.33
CA ASN C 30 12.75 -0.29 -2.27
C ASN C 30 12.72 0.23 -0.84
N ILE C 31 12.94 1.53 -0.67
CA ILE C 31 13.04 2.21 0.62
C ILE C 31 11.74 2.28 1.45
N TYR C 32 10.64 1.71 0.94
CA TYR C 32 9.38 1.72 1.68
C TYR C 32 9.44 0.79 2.89
N LEU C 33 9.98 1.30 4.00
CA LEU C 33 10.32 0.49 5.16
C LEU C 33 10.59 1.45 6.32
N ASN C 34 10.20 1.02 7.52
CA ASN C 34 10.43 1.80 8.73
C ASN C 34 10.93 0.85 9.80
N TRP C 35 11.61 1.40 10.82
CA TRP C 35 11.93 0.59 11.99
C TRP C 35 11.27 1.23 13.21
N TYR C 36 11.10 0.43 14.26
CA TYR C 36 10.41 0.84 15.47
C TYR C 36 11.31 0.59 16.68
N GLN C 37 10.94 1.17 17.82
CA GLN C 37 11.57 0.85 19.10
C GLN C 37 10.46 0.63 20.10
N GLN C 38 10.36 -0.58 20.64
CA GLN C 38 9.28 -0.96 21.52
C GLN C 38 9.83 -1.11 22.94
N LYS C 39 9.38 -0.24 23.83
CA LYS C 39 9.75 -0.33 25.24
C LYS C 39 9.11 -1.55 25.88
N PRO C 40 9.81 -2.24 26.79
CA PRO C 40 9.30 -3.51 27.34
C PRO C 40 8.08 -3.32 28.22
N GLY C 41 6.95 -3.86 27.76
CA GLY C 41 5.68 -3.67 28.42
C GLY C 41 4.94 -2.41 28.03
N LYS C 42 5.45 -1.64 27.06
CA LYS C 42 4.85 -0.37 26.67
C LYS C 42 4.63 -0.33 25.16
N ALA C 43 4.18 0.83 24.69
CA ALA C 43 3.89 1.05 23.29
C ALA C 43 5.18 1.19 22.47
N PRO C 44 5.13 0.88 21.16
CA PRO C 44 6.27 1.21 20.30
C PRO C 44 6.36 2.72 20.03
N LYS C 45 7.50 3.11 19.48
CA LYS C 45 7.74 4.51 19.15
C LYS C 45 8.60 4.55 17.89
N LEU C 46 8.33 5.53 17.04
CA LEU C 46 8.91 5.59 15.70
C LEU C 46 10.21 6.36 15.68
N LEU C 47 11.11 5.97 14.78
CA LEU C 47 12.34 6.73 14.57
C LEU C 47 12.60 7.11 13.11
N ILE C 48 12.26 6.24 12.16
CA ILE C 48 12.60 6.46 10.76
C ILE C 48 11.32 6.43 9.92
N TYR C 49 11.13 7.47 9.09
CA TYR C 49 10.09 7.47 8.06
C TYR C 49 10.70 7.15 6.70
N ASP C 50 10.38 5.96 6.17
CA ASP C 50 10.57 5.55 4.77
C ASP C 50 12.07 5.54 4.42
N ALA C 51 12.89 4.95 5.30
CA ALA C 51 14.31 4.64 5.16
C ALA C 51 15.24 5.83 4.88
N SER C 52 14.75 7.07 4.92
CA SER C 52 15.59 8.22 4.61
C SER C 52 15.35 9.43 5.50
N ASN C 53 14.40 9.37 6.42
CA ASN C 53 14.05 10.53 7.22
C ASN C 53 14.27 10.21 8.70
N LEU C 54 13.91 11.16 9.55
CA LEU C 54 14.21 11.08 10.97
C LEU C 54 13.07 11.71 11.76
N GLU C 55 12.87 11.22 12.99
CA GLU C 55 11.72 11.60 13.79
C GLU C 55 11.95 12.99 14.39
N THR C 56 10.86 13.62 14.84
CA THR C 56 10.89 15.01 15.29
C THR C 56 11.75 15.22 16.53
N GLY C 57 11.55 14.41 17.58
CA GLY C 57 12.45 14.55 18.71
C GLY C 57 13.21 13.30 19.07
N VAL C 58 14.47 13.28 18.67
CA VAL C 58 15.45 12.19 18.79
C VAL C 58 16.82 12.85 18.77
N PRO C 59 17.88 12.17 19.23
CA PRO C 59 19.23 12.62 18.87
C PRO C 59 19.45 12.51 17.37
N SER C 60 20.21 13.47 16.83
CA SER C 60 20.39 13.57 15.39
C SER C 60 21.35 12.53 14.82
N ARG C 61 22.06 11.78 15.67
CA ARG C 61 23.11 10.88 15.22
C ARG C 61 22.55 9.56 14.67
N PHE C 62 21.25 9.32 14.84
CA PHE C 62 20.53 8.23 14.18
C PHE C 62 20.50 8.51 12.68
N SER C 63 21.08 7.60 11.88
CA SER C 63 21.15 7.76 10.44
C SER C 63 21.03 6.40 9.77
N GLY C 64 20.01 6.22 8.94
CA GLY C 64 19.76 4.96 8.25
C GLY C 64 19.84 5.14 6.75
N SER C 65 20.38 4.11 6.07
CA SER C 65 20.53 4.13 4.62
C SER C 65 20.51 2.68 4.13
N GLY C 66 19.61 2.37 3.21
CA GLY C 66 19.54 1.03 2.64
C GLY C 66 18.70 1.00 1.39
N SER C 67 19.18 0.26 0.40
CA SER C 67 18.47 0.09 -0.86
C SER C 67 18.88 -1.24 -1.47
N GLY C 68 17.90 -1.93 -2.04
CA GLY C 68 18.16 -3.23 -2.64
C GLY C 68 18.38 -4.32 -1.62
N THR C 69 17.31 -4.70 -0.90
CA THR C 69 17.08 -5.85 -0.01
C THR C 69 18.06 -5.98 1.17
N ASP C 70 18.96 -5.01 1.36
CA ASP C 70 19.80 -4.91 2.53
C ASP C 70 19.64 -3.54 3.15
N PHE C 71 19.25 -3.50 4.42
CA PHE C 71 18.86 -2.23 5.03
C PHE C 71 19.61 -2.06 6.34
N THR C 72 20.26 -0.90 6.48
CA THR C 72 21.34 -0.67 7.43
C THR C 72 21.03 0.59 8.22
N PHE C 73 21.45 0.60 9.49
CA PHE C 73 21.20 1.66 10.46
C PHE C 73 22.25 1.57 11.56
N THR C 74 22.63 2.70 12.15
CA THR C 74 23.66 2.71 13.17
C THR C 74 23.25 3.55 14.37
N ILE C 75 23.72 3.12 15.54
CA ILE C 75 23.61 3.88 16.78
C ILE C 75 25.01 3.95 17.38
N ASN C 76 25.74 5.02 17.08
CA ASN C 76 27.15 5.08 17.47
C ASN C 76 27.33 5.48 18.93
N SER C 77 26.35 6.17 19.51
CA SER C 77 26.37 6.53 20.93
C SER C 77 25.18 5.87 21.61
N LEU C 78 25.44 5.07 22.63
CA LEU C 78 24.38 4.36 23.35
C LEU C 78 24.08 5.13 24.64
N GLN C 79 23.19 6.11 24.51
CA GLN C 79 22.64 6.76 25.69
C GLN C 79 21.75 5.78 26.46
N PRO C 80 21.71 5.88 27.80
CA PRO C 80 21.09 4.81 28.60
C PRO C 80 19.56 4.76 28.57
N GLU C 81 18.89 5.68 27.88
CA GLU C 81 17.44 5.60 27.74
C GLU C 81 17.00 4.88 26.48
N ASP C 82 17.94 4.30 25.72
CA ASP C 82 17.61 3.49 24.55
C ASP C 82 17.58 2.00 24.84
N ILE C 83 17.43 1.59 26.10
CA ILE C 83 17.42 0.18 26.44
C ILE C 83 16.05 -0.43 26.15
N ALA C 84 15.88 -0.92 24.93
CA ALA C 84 14.63 -1.50 24.45
C ALA C 84 14.99 -2.41 23.27
N THR C 85 14.00 -2.78 22.48
CA THR C 85 14.22 -3.60 21.29
C THR C 85 14.08 -2.76 20.04
N TYR C 86 14.43 -3.35 18.89
CA TYR C 86 14.31 -2.68 17.60
C TYR C 86 13.82 -3.68 16.58
N TYR C 87 12.69 -3.37 15.92
CA TYR C 87 12.05 -4.29 15.00
C TYR C 87 12.06 -3.74 13.58
N CYS C 88 12.16 -4.65 12.61
CA CYS C 88 12.18 -4.28 11.20
C CYS C 88 10.80 -4.49 10.60
N GLN C 89 10.29 -3.47 9.89
CA GLN C 89 8.92 -3.44 9.41
C GLN C 89 8.93 -3.12 7.91
N GLN C 90 8.62 -4.13 7.11
CA GLN C 90 8.31 -3.95 5.69
C GLN C 90 6.83 -3.66 5.54
N TYR C 91 6.49 -2.70 4.66
CA TYR C 91 5.10 -2.43 4.34
C TYR C 91 4.98 -2.17 2.84
N ASP C 92 3.73 -1.94 2.39
CA ASP C 92 3.27 -1.52 1.06
C ASP C 92 3.41 -2.69 0.07
N ASN C 93 3.70 -3.87 0.58
CA ASN C 93 3.64 -5.11 -0.19
C ASN C 93 2.94 -6.06 0.79
N LEU C 94 1.66 -6.30 0.55
CA LEU C 94 0.87 -7.08 1.49
C LEU C 94 1.24 -8.56 1.37
N PRO C 95 1.38 -9.28 2.51
CA PRO C 95 1.26 -8.84 3.91
C PRO C 95 2.47 -8.09 4.47
N ARG C 96 2.23 -7.14 5.36
CA ARG C 96 3.32 -6.47 6.06
C ARG C 96 3.88 -7.42 7.14
N THR C 97 5.19 -7.55 7.18
CA THR C 97 5.87 -8.56 7.98
C THR C 97 6.81 -7.88 8.96
N PHE C 98 6.99 -8.49 10.14
CA PHE C 98 7.87 -7.98 11.17
C PHE C 98 9.10 -8.87 11.29
N GLY C 99 10.18 -8.27 11.79
CA GLY C 99 11.36 -9.04 12.13
C GLY C 99 11.15 -9.86 13.38
N GLN C 100 12.06 -10.83 13.59
CA GLN C 100 11.90 -11.74 14.72
C GLN C 100 12.26 -11.08 16.05
N GLY C 101 13.22 -10.16 16.06
CA GLY C 101 13.55 -9.47 17.29
C GLY C 101 15.02 -9.17 17.48
N THR C 102 15.35 -7.94 17.89
CA THR C 102 16.73 -7.56 18.15
C THR C 102 16.84 -7.05 19.58
N LYS C 103 17.88 -7.47 20.29
CA LYS C 103 18.07 -7.13 21.69
C LYS C 103 19.35 -6.33 21.88
N VAL C 104 19.24 -5.19 22.57
CA VAL C 104 20.39 -4.43 23.03
C VAL C 104 20.29 -4.27 24.53
N GLU C 105 21.46 -4.10 25.17
CA GLU C 105 21.57 -3.96 26.62
C GLU C 105 22.91 -3.32 26.93
N ILE C 106 22.91 -2.46 27.95
CA ILE C 106 24.14 -1.83 28.42
C ILE C 106 24.71 -2.67 29.57
N LYS C 107 26.03 -2.76 29.64
CA LYS C 107 26.69 -3.48 30.73
C LYS C 107 26.93 -2.55 31.91
#